data_6XQ8
#
_entry.id   6XQ8
#
_cell.length_a   102.017
_cell.length_b   102.017
_cell.length_c   102.779
_cell.angle_alpha   90.000
_cell.angle_beta   90.000
_cell.angle_gamma   120.000
#
_symmetry.space_group_name_H-M   'P 62'
#
loop_
_entity.id
_entity.type
_entity.pdbx_description
1 polymer 'Advanced glycosylation end product-specific receptor'
2 non-polymer 'ACETATE ION'
3 non-polymer '7-methyl-3-phenyl-1H-indole-2-carboxylic acid'
4 non-polymer 3-phenoxyphenol
5 non-polymer 'CHLORIDE ION'
6 water water
#
_entity_poly.entity_id   1
_entity_poly.type   'polypeptide(L)'
_entity_poly.pdbx_seq_one_letter_code
;GAMAQNITARIGEPLVLKCKGAPKKPPQRLEWKLNTGRTEAWKVLSPQGGGPWDSVARVLPNGSLFLPAVGIQDEGIFRC
QAMNRNGKETKSNYRVRVYQIPGKPEIVDSASELTAGVPNKVGTCVSEGSYPAGTLSWHLDGKPLVPNEKGVSVKEQTRR
HPETGLFTLQSELMVTPARGGDPRPTFSCSFSPGLPRHRALRTAPIQPRVWE
;
_entity_poly.pdbx_strand_id   A,B
#
loop_
_chem_comp.id
_chem_comp.type
_chem_comp.name
_chem_comp.formula
ACT non-polymer 'ACETATE ION' 'C2 H3 O2 -1'
CL non-polymer 'CHLORIDE ION' 'Cl -1'
V6M non-polymer '7-methyl-3-phenyl-1H-indole-2-carboxylic acid' 'C16 H13 N O2'
V6P non-polymer 3-phenoxyphenol 'C12 H10 O2'
#
# COMPACT_ATOMS: atom_id res chain seq x y z
N GLY A 1 13.31 22.29 5.83
CA GLY A 1 13.53 21.68 4.53
C GLY A 1 12.50 22.14 3.51
N ALA A 2 12.22 21.27 2.56
CA ALA A 2 11.24 21.62 1.51
C ALA A 2 9.88 20.99 1.80
N MET A 3 8.92 21.30 0.96
CA MET A 3 7.56 20.76 1.13
C MET A 3 7.64 19.26 0.85
N ALA A 4 7.22 18.46 1.83
CA ALA A 4 7.36 17.01 1.70
C ALA A 4 6.14 16.22 2.14
N GLN A 5 6.01 15.01 1.61
CA GLN A 5 4.97 14.10 2.14
C GLN A 5 5.55 13.39 3.35
N ASN A 6 4.88 13.50 4.48
CA ASN A 6 5.31 12.78 5.69
C ASN A 6 4.92 11.30 5.57
N ILE A 7 5.88 10.40 5.74
CA ILE A 7 5.66 8.96 5.63
C ILE A 7 6.00 8.36 6.99
N THR A 8 5.12 7.53 7.55
CA THR A 8 5.45 6.78 8.78
C THR A 8 5.69 5.34 8.39
N ALA A 9 6.85 4.81 8.75
CA ALA A 9 7.27 3.49 8.28
C ALA A 9 7.54 2.61 9.49
N ARG A 10 6.89 1.44 9.56
CA ARG A 10 7.08 0.53 10.69
C ARG A 10 8.38 -0.25 10.52
N ILE A 11 9.17 -0.33 11.61
CA ILE A 11 10.43 -1.06 11.55
C ILE A 11 10.18 -2.54 11.21
N GLY A 12 11.02 -3.08 10.34
CA GLY A 12 10.91 -4.50 9.97
C GLY A 12 10.02 -4.74 8.77
N GLU A 13 9.25 -3.74 8.35
CA GLU A 13 8.28 -3.85 7.24
C GLU A 13 8.88 -3.24 5.98
N PRO A 14 8.44 -3.69 4.81
CA PRO A 14 8.94 -3.06 3.56
C PRO A 14 8.40 -1.65 3.40
N LEU A 15 9.10 -0.87 2.57
CA LEU A 15 8.64 0.48 2.22
C LEU A 15 8.87 0.65 0.73
N VAL A 16 7.86 1.16 0.03
CA VAL A 16 7.96 1.52 -1.39
C VAL A 16 7.63 3.00 -1.52
N LEU A 17 8.55 3.79 -2.08
CA LEU A 17 8.33 5.21 -2.30
C LEU A 17 8.20 5.46 -3.79
N LYS A 18 7.12 6.12 -4.19
CA LYS A 18 6.87 6.39 -5.63
C LYS A 18 7.74 7.52 -6.18
N CYS A 19 8.29 7.32 -7.39
CA CYS A 19 9.00 8.38 -8.10
C CYS A 19 8.00 8.94 -9.10
N LYS A 20 7.32 10.01 -8.70
CA LYS A 20 6.27 10.59 -9.53
C LYS A 20 6.83 11.11 -10.86
N GLY A 21 6.04 10.91 -11.93
CA GLY A 21 6.46 11.41 -13.21
C GLY A 21 7.51 10.57 -13.92
N ALA A 22 7.84 9.41 -13.38
CA ALA A 22 8.80 8.58 -14.08
C ALA A 22 8.09 7.72 -15.14
N PRO A 23 8.74 7.41 -16.26
CA PRO A 23 8.18 6.43 -17.21
C PRO A 23 7.93 5.11 -16.48
N LYS A 24 6.88 4.39 -16.92
CA LYS A 24 6.43 3.13 -16.29
C LYS A 24 7.51 2.05 -16.19
N LYS A 25 8.43 2.01 -17.13
CA LYS A 25 9.44 0.96 -17.16
C LYS A 25 10.68 1.53 -17.84
N PRO A 26 11.82 0.86 -17.72
CA PRO A 26 13.04 1.41 -18.30
C PRO A 26 12.93 1.49 -19.81
N PRO A 27 13.65 2.45 -20.44
CA PRO A 27 14.61 3.37 -19.82
C PRO A 27 13.99 4.62 -19.21
N GLN A 28 14.54 5.07 -18.08
CA GLN A 28 14.01 6.23 -17.39
C GLN A 28 15.14 7.15 -17.00
N ARG A 29 14.91 8.45 -17.11
CA ARG A 29 15.90 9.43 -16.67
C ARG A 29 15.48 9.80 -15.25
N LEU A 30 16.02 9.10 -14.24
CA LEU A 30 15.60 9.44 -12.89
C LEU A 30 16.75 9.19 -11.91
N GLU A 31 16.66 9.84 -10.75
CA GLU A 31 17.69 9.70 -9.75
C GLU A 31 17.03 9.84 -8.38
N TRP A 32 17.43 9.01 -7.42
CA TRP A 32 16.98 9.13 -6.03
C TRP A 32 18.15 9.68 -5.21
N LYS A 33 17.83 10.49 -4.20
CA LYS A 33 18.84 10.97 -3.25
C LYS A 33 18.25 10.76 -1.88
N LEU A 34 19.04 10.25 -0.93
CA LEU A 34 18.50 10.11 0.42
C LEU A 34 19.51 10.62 1.45
N ASN A 35 18.99 11.09 2.59
CA ASN A 35 19.84 11.57 3.68
C ASN A 35 19.21 10.97 4.92
N THR A 36 19.86 9.93 5.43
CA THR A 36 19.29 9.18 6.53
C THR A 36 20.35 8.87 7.56
N GLY A 37 19.97 8.08 8.57
CA GLY A 37 20.94 7.64 9.55
C GLY A 37 22.06 6.80 8.94
N ARG A 38 21.85 6.23 7.75
CA ARG A 38 22.87 5.45 7.05
C ARG A 38 23.83 6.28 6.20
N THR A 39 23.63 7.58 6.04
CA THR A 39 24.39 8.33 5.04
C THR A 39 25.18 9.43 5.72
N GLU A 40 26.22 9.90 5.01
CA GLU A 40 26.90 11.17 5.32
C GLU A 40 26.31 12.17 4.31
N ALA A 41 25.37 12.96 4.78
CA ALA A 41 24.63 13.92 3.89
C ALA A 41 23.93 13.15 2.78
N TRP A 42 23.84 13.67 1.54
CA TRP A 42 23.06 12.98 0.54
CA TRP A 42 23.07 13.02 0.47
C TRP A 42 23.82 11.86 -0.16
N LYS A 43 23.15 10.74 -0.33
CA LYS A 43 23.61 9.59 -1.08
C LYS A 43 22.75 9.49 -2.32
N VAL A 44 23.38 9.36 -3.49
CA VAL A 44 22.62 9.19 -4.75
C VAL A 44 22.46 7.71 -5.09
N LEU A 45 21.25 7.29 -5.44
CA LEU A 45 20.92 5.92 -5.88
C LEU A 45 20.34 5.99 -7.31
N SER A 46 20.84 5.13 -8.18
CA SER A 46 20.42 5.10 -9.57
C SER A 46 19.69 3.80 -9.91
N PRO A 47 18.95 3.74 -11.04
CA PRO A 47 18.30 2.48 -11.41
C PRO A 47 19.28 1.33 -11.57
N GLN A 48 20.51 1.58 -12.03
CA GLN A 48 21.52 0.52 -12.17
C GLN A 48 21.84 -0.12 -10.83
N GLY A 49 21.99 0.69 -9.79
CA GLY A 49 22.27 0.14 -8.47
C GLY A 49 23.68 -0.41 -8.39
N GLY A 50 23.86 -1.40 -7.54
CA GLY A 50 25.16 -1.97 -7.28
C GLY A 50 25.69 -1.61 -5.90
N GLY A 51 26.64 -2.43 -5.44
CA GLY A 51 27.33 -2.14 -4.21
C GLY A 51 26.55 -2.47 -2.97
N PRO A 52 27.09 -2.02 -1.83
CA PRO A 52 26.50 -2.35 -0.53
C PRO A 52 25.05 -1.91 -0.40
N TRP A 53 24.71 -0.81 -1.08
CA TRP A 53 23.36 -0.28 -0.98
C TRP A 53 22.31 -1.23 -1.58
N ASP A 54 22.71 -2.12 -2.50
CA ASP A 54 21.77 -3.12 -2.99
C ASP A 54 21.21 -4.01 -1.88
N SER A 55 21.87 -4.12 -0.73
CA SER A 55 21.27 -4.88 0.38
C SER A 55 20.22 -4.10 1.16
N VAL A 56 20.07 -2.79 0.91
CA VAL A 56 19.28 -1.91 1.76
C VAL A 56 18.12 -1.29 1.01
N ALA A 57 18.42 -0.65 -0.14
CA ALA A 57 17.40 0.06 -0.93
C ALA A 57 17.76 -0.08 -2.41
N ARG A 58 16.76 -0.45 -3.25
CA ARG A 58 17.03 -0.59 -4.68
C ARG A 58 15.91 0.06 -5.47
N VAL A 59 16.23 0.57 -6.65
CA VAL A 59 15.22 1.18 -7.52
C VAL A 59 14.51 0.07 -8.32
N LEU A 60 13.18 0.06 -8.26
CA LEU A 60 12.40 -0.99 -8.94
C LEU A 60 12.27 -0.67 -10.43
N PRO A 61 11.76 -1.62 -11.22
CA PRO A 61 11.54 -1.33 -12.66
C PRO A 61 10.66 -0.13 -12.92
N ASN A 62 9.64 0.11 -12.10
CA ASN A 62 8.81 1.27 -12.31
C ASN A 62 9.43 2.58 -11.75
N GLY A 63 10.67 2.54 -11.27
CA GLY A 63 11.34 3.74 -10.76
C GLY A 63 11.12 4.01 -9.28
N SER A 64 10.24 3.26 -8.62
CA SER A 64 10.03 3.45 -7.17
C SER A 64 11.23 2.96 -6.39
N LEU A 65 11.43 3.51 -5.17
CA LEU A 65 12.51 3.02 -4.31
C LEU A 65 11.94 2.00 -3.33
N PHE A 66 12.66 0.90 -3.14
CA PHE A 66 12.16 -0.21 -2.31
C PHE A 66 13.16 -0.54 -1.23
N LEU A 67 12.68 -0.56 0.03
CA LEU A 67 13.46 -1.02 1.17
C LEU A 67 12.76 -2.28 1.69
N PRO A 68 13.43 -3.40 1.70
CA PRO A 68 12.74 -4.66 2.11
C PRO A 68 12.38 -4.69 3.56
N ALA A 69 13.15 -4.04 4.45
CA ALA A 69 12.80 -4.08 5.87
C ALA A 69 13.38 -2.81 6.49
N VAL A 70 12.51 -1.88 6.84
CA VAL A 70 12.93 -0.57 7.37
C VAL A 70 13.62 -0.75 8.71
N GLY A 71 14.71 0.00 8.96
CA GLY A 71 15.31 0.02 10.30
C GLY A 71 15.35 1.43 10.86
N ILE A 72 15.73 1.53 12.14
CA ILE A 72 15.84 2.85 12.79
C ILE A 72 16.69 3.79 11.96
N GLN A 73 17.76 3.27 11.36
CA GLN A 73 18.65 4.21 10.64
C GLN A 73 18.08 4.69 9.31
N ASP A 74 16.91 4.22 8.88
CA ASP A 74 16.33 4.71 7.62
C ASP A 74 15.49 5.96 7.81
N GLU A 75 15.35 6.43 9.05
CA GLU A 75 14.73 7.74 9.25
C GLU A 75 15.45 8.86 8.48
N GLY A 76 14.70 9.70 7.75
CA GLY A 76 15.37 10.81 7.12
C GLY A 76 14.59 11.34 5.94
N ILE A 77 15.28 11.75 4.88
CA ILE A 77 14.63 12.40 3.74
C ILE A 77 14.98 11.60 2.50
N PHE A 78 13.99 11.41 1.63
CA PHE A 78 14.16 10.62 0.42
C PHE A 78 13.57 11.45 -0.74
N ARG A 79 14.31 11.67 -1.83
CA ARG A 79 13.82 12.51 -2.93
C ARG A 79 14.08 11.85 -4.26
N CYS A 80 13.17 12.03 -5.20
CA CYS A 80 13.36 11.55 -6.57
C CYS A 80 13.22 12.73 -7.51
N GLN A 81 14.03 12.74 -8.56
CA GLN A 81 13.81 13.64 -9.69
C GLN A 81 13.74 12.82 -10.96
N ALA A 82 12.68 13.00 -11.76
CA ALA A 82 12.54 12.20 -12.99
C ALA A 82 12.21 13.13 -14.16
N MET A 83 12.48 12.63 -15.36
CA MET A 83 12.02 13.24 -16.62
C MET A 83 11.02 12.30 -17.30
N ASN A 84 9.89 12.83 -17.76
CA ASN A 84 8.90 12.05 -18.53
C ASN A 84 9.31 11.95 -20.00
N ARG A 85 8.55 11.20 -20.81
CA ARG A 85 8.95 10.98 -22.22
C ARG A 85 9.13 12.32 -22.93
N ASN A 86 8.28 13.31 -22.63
CA ASN A 86 8.43 14.67 -23.21
C ASN A 86 9.74 15.30 -22.73
N GLY A 87 9.81 15.65 -21.45
CA GLY A 87 11.01 16.29 -20.89
C GLY A 87 10.64 17.14 -19.70
N LYS A 88 9.42 16.97 -19.21
CA LYS A 88 9.03 17.70 -17.99
C LYS A 88 9.73 17.03 -16.79
N GLU A 89 10.38 17.84 -15.95
CA GLU A 89 10.98 17.29 -14.72
C GLU A 89 9.94 17.25 -13.61
N THR A 90 9.91 16.15 -12.84
CA THR A 90 8.97 16.00 -11.71
C THR A 90 9.76 15.60 -10.45
N LYS A 91 9.45 16.22 -9.34
CA LYS A 91 10.19 15.96 -8.09
C LYS A 91 9.27 15.31 -7.06
N SER A 92 9.84 14.42 -6.27
CA SER A 92 9.05 13.77 -5.23
C SER A 92 9.86 13.90 -3.95
N ASN A 93 9.24 14.33 -2.85
CA ASN A 93 10.01 14.62 -1.64
C ASN A 93 9.32 13.96 -0.47
N TYR A 94 10.03 13.09 0.28
CA TYR A 94 9.39 12.36 1.37
C TYR A 94 10.18 12.55 2.64
N ARG A 95 9.48 12.76 3.75
CA ARG A 95 10.13 12.81 5.07
C ARG A 95 9.70 11.53 5.76
N VAL A 96 10.64 10.61 5.98
CA VAL A 96 10.33 9.28 6.51
C VAL A 96 10.65 9.23 8.01
N ARG A 97 9.64 8.86 8.79
CA ARG A 97 9.73 8.70 10.23
C ARG A 97 9.44 7.26 10.57
N VAL A 98 10.31 6.61 11.38
CA VAL A 98 10.18 5.18 11.60
C VAL A 98 9.65 4.97 13.01
N TYR A 99 8.94 3.87 13.18
CA TYR A 99 8.37 3.55 14.51
C TYR A 99 8.24 2.05 14.69
N GLN A 100 8.01 1.64 15.96
CA GLN A 100 7.63 0.28 16.27
C GLN A 100 6.64 0.31 17.42
N ILE A 101 5.62 -0.51 17.32
CA ILE A 101 4.59 -0.65 18.35
C ILE A 101 5.09 -1.64 19.39
N PRO A 102 5.02 -1.33 20.68
CA PRO A 102 5.45 -2.31 21.69
C PRO A 102 4.42 -3.44 21.84
N GLY A 103 4.80 -4.47 22.60
CA GLY A 103 3.79 -5.45 23.01
C GLY A 103 2.80 -4.80 23.94
N LYS A 104 1.68 -5.50 24.20
CA LYS A 104 0.72 -5.04 25.20
C LYS A 104 1.42 -4.75 26.51
N PRO A 105 1.19 -3.61 27.14
CA PRO A 105 1.76 -3.36 28.47
C PRO A 105 1.25 -4.35 29.51
N GLU A 106 2.03 -4.52 30.57
CA GLU A 106 1.54 -5.37 31.64
C GLU A 106 1.86 -4.81 33.02
N ILE A 107 0.98 -5.10 33.98
CA ILE A 107 1.23 -4.77 35.38
C ILE A 107 2.05 -5.91 35.98
N VAL A 108 3.29 -5.60 36.36
CA VAL A 108 4.21 -6.59 36.91
C VAL A 108 4.16 -6.66 38.43
N ASP A 109 3.52 -5.70 39.08
CA ASP A 109 3.38 -5.72 40.52
C ASP A 109 2.27 -4.75 40.89
N SER A 110 1.50 -5.08 41.93
CA SER A 110 0.37 -4.22 42.28
C SER A 110 0.00 -4.45 43.72
N ALA A 111 -0.55 -3.42 44.34
CA ALA A 111 -1.00 -3.54 45.71
C ALA A 111 -2.39 -4.15 45.70
N SER A 112 -2.66 -4.99 46.69
CA SER A 112 -4.04 -5.47 46.78
C SER A 112 -4.86 -4.62 47.71
N GLU A 113 -4.22 -3.87 48.61
CA GLU A 113 -4.90 -2.99 49.55
C GLU A 113 -4.25 -1.59 49.57
N LEU A 114 -5.08 -0.55 49.57
CA LEU A 114 -4.62 0.83 49.74
C LEU A 114 -5.27 1.43 50.97
N THR A 115 -4.54 2.31 51.64
CA THR A 115 -5.05 3.04 52.80
C THR A 115 -5.31 4.50 52.40
N ALA A 116 -6.57 4.92 52.53
CA ALA A 116 -6.95 6.29 52.18
C ALA A 116 -6.18 7.29 53.03
N GLY A 117 -5.88 8.46 52.44
CA GLY A 117 -5.28 9.54 53.20
C GLY A 117 -3.78 9.47 53.38
N VAL A 118 -3.12 8.44 52.86
CA VAL A 118 -1.66 8.33 52.90
C VAL A 118 -1.18 7.85 51.52
N PRO A 119 0.08 8.11 51.20
CA PRO A 119 0.56 7.66 49.89
C PRO A 119 0.72 6.14 49.88
N ASN A 120 0.33 5.53 48.76
CA ASN A 120 0.40 4.10 48.54
C ASN A 120 1.04 3.83 47.19
N LYS A 121 1.90 2.81 47.13
CA LYS A 121 2.39 2.30 45.84
C LYS A 121 1.28 1.48 45.19
N VAL A 122 0.68 1.96 44.10
CA VAL A 122 -0.42 1.21 43.48
C VAL A 122 0.11 0.07 42.61
N GLY A 123 1.08 0.34 41.76
CA GLY A 123 1.57 -0.73 40.92
C GLY A 123 2.66 -0.26 39.98
N THR A 124 3.20 -1.23 39.24
CA THR A 124 4.30 -1.05 38.29
C THR A 124 3.84 -1.62 36.96
N CYS A 125 4.01 -0.84 35.91
CA CYS A 125 3.61 -1.21 34.56
C CYS A 125 4.86 -1.27 33.68
N VAL A 126 4.94 -2.26 32.77
CA VAL A 126 6.09 -2.41 31.87
C VAL A 126 5.59 -2.54 30.43
N SER A 127 6.30 -1.90 29.51
CA SER A 127 6.05 -2.00 28.08
CA SER A 127 6.04 -2.08 28.10
C SER A 127 7.36 -2.29 27.38
N GLU A 128 7.39 -3.28 26.49
CA GLU A 128 8.62 -3.64 25.79
C GLU A 128 8.48 -3.52 24.28
N GLY A 129 9.48 -2.87 23.66
CA GLY A 129 9.69 -2.88 22.22
C GLY A 129 9.14 -1.70 21.44
N SER A 130 9.13 -0.50 22.04
CA SER A 130 8.62 0.66 21.31
C SER A 130 9.75 1.40 20.60
N TYR A 131 9.39 2.09 19.53
CA TYR A 131 10.34 3.10 18.94
C TYR A 131 9.52 4.21 18.29
N PRO A 132 9.74 5.51 18.62
CA PRO A 132 10.55 6.10 19.69
C PRO A 132 9.99 5.65 21.03
N ALA A 133 10.57 6.14 22.14
CA ALA A 133 10.28 5.48 23.43
C ALA A 133 8.80 5.53 23.78
N GLY A 134 8.20 6.73 23.70
CA GLY A 134 6.83 6.87 24.21
C GLY A 134 6.79 6.99 25.72
N THR A 135 5.61 6.80 26.29
CA THR A 135 5.51 6.91 27.74
C THR A 135 4.30 6.08 28.19
N LEU A 136 4.28 5.75 29.48
CA LEU A 136 3.16 5.00 30.06
C LEU A 136 2.24 5.95 30.83
N SER A 137 0.93 5.78 30.63
CA SER A 137 -0.11 6.60 31.26
C SER A 137 -0.91 5.74 32.22
N TRP A 138 -1.37 6.31 33.32
CA TRP A 138 -2.21 5.61 34.28
C TRP A 138 -3.61 6.21 34.22
N HIS A 139 -4.60 5.36 34.53
CA HIS A 139 -6.02 5.66 34.45
C HIS A 139 -6.70 5.18 35.72
N LEU A 140 -7.70 5.92 36.18
CA LEU A 140 -8.50 5.56 37.35
C LEU A 140 -9.96 5.58 36.90
N ASP A 141 -10.61 4.40 36.93
CA ASP A 141 -12.00 4.26 36.50
C ASP A 141 -12.20 4.80 35.09
N GLY A 142 -11.20 4.57 34.24
CA GLY A 142 -11.25 5.01 32.86
C GLY A 142 -10.92 6.46 32.60
N LYS A 143 -10.52 7.22 33.62
CA LYS A 143 -10.17 8.61 33.44
C LYS A 143 -8.66 8.80 33.60
N PRO A 144 -8.04 9.71 32.84
CA PRO A 144 -6.59 9.88 32.94
C PRO A 144 -6.16 10.39 34.31
N LEU A 145 -5.03 9.89 34.78
CA LEU A 145 -4.47 10.32 36.06
C LEU A 145 -3.26 11.20 35.79
N VAL A 146 -3.33 12.47 36.19
CA VAL A 146 -2.26 13.44 35.92
C VAL A 146 -1.12 13.33 36.91
N PRO A 147 0.12 13.09 36.46
CA PRO A 147 1.25 12.93 37.38
C PRO A 147 1.62 14.18 38.15
N ASN A 148 2.15 13.96 39.36
CA ASN A 148 2.61 15.02 40.28
C ASN A 148 1.56 16.10 40.41
N GLU A 149 0.33 15.67 40.69
CA GLU A 149 -0.79 16.60 40.78
C GLU A 149 -1.43 16.53 42.16
N LYS A 150 -0.60 16.68 43.20
CA LYS A 150 -1.04 16.75 44.60
C LYS A 150 -1.87 15.52 44.98
N GLY A 151 -1.17 14.40 45.11
CA GLY A 151 -1.84 13.18 45.48
C GLY A 151 -1.49 12.00 44.58
N VAL A 152 -1.12 12.30 43.33
CA VAL A 152 -0.73 11.31 42.33
C VAL A 152 0.74 11.56 41.98
N SER A 153 1.58 10.52 42.12
CA SER A 153 2.98 10.63 41.74
C SER A 153 3.32 9.51 40.78
N VAL A 154 4.08 9.81 39.70
CA VAL A 154 4.45 8.78 38.73
C VAL A 154 5.94 8.89 38.47
N LYS A 155 6.66 7.77 38.51
CA LYS A 155 8.08 7.77 38.13
C LYS A 155 8.27 6.78 36.99
N GLU A 156 9.21 7.06 36.08
CA GLU A 156 9.35 6.18 34.93
C GLU A 156 10.81 6.02 34.58
N GLN A 157 11.13 4.87 34.04
CA GLN A 157 12.45 4.48 33.63
C GLN A 157 12.38 4.06 32.18
N THR A 158 13.36 4.47 31.41
CA THR A 158 13.44 4.07 30.00
C THR A 158 14.75 3.33 29.80
N ARG A 159 14.71 2.12 29.21
CA ARG A 159 15.93 1.39 28.89
C ARG A 159 15.94 1.02 27.41
N ARG A 160 17.12 0.93 26.81
CA ARG A 160 17.20 0.63 25.38
C ARG A 160 17.78 -0.76 25.18
N HIS A 161 17.16 -1.55 24.30
CA HIS A 161 17.73 -2.88 23.97
C HIS A 161 19.10 -2.65 23.35
N PRO A 162 20.16 -3.29 23.88
CA PRO A 162 21.52 -3.03 23.42
C PRO A 162 21.81 -3.31 21.95
N GLU A 163 21.02 -4.16 21.34
CA GLU A 163 21.23 -4.54 19.93
C GLU A 163 20.15 -3.96 19.02
N THR A 164 18.90 -4.07 19.41
CA THR A 164 17.84 -3.60 18.49
C THR A 164 17.56 -2.11 18.61
N GLY A 165 17.87 -1.50 19.77
CA GLY A 165 17.56 -0.09 19.95
C GLY A 165 16.13 0.17 20.36
N LEU A 166 15.29 -0.86 20.52
CA LEU A 166 13.89 -0.65 20.92
C LEU A 166 13.83 -0.37 22.42
N PHE A 167 12.83 0.39 22.84
CA PHE A 167 12.76 0.83 24.24
C PHE A 167 11.87 -0.03 25.09
N THR A 168 12.29 -0.23 26.36
CA THR A 168 11.45 -0.80 27.40
C THR A 168 11.15 0.29 28.45
N LEU A 169 9.87 0.47 28.80
CA LEU A 169 9.45 1.47 29.79
C LEU A 169 8.97 0.78 31.04
N GLN A 170 9.29 1.36 32.20
CA GLN A 170 8.78 0.84 33.46
C GLN A 170 8.27 2.04 34.24
N SER A 171 6.96 2.02 34.62
CA SER A 171 6.36 3.17 35.29
C SER A 171 5.78 2.72 36.64
N GLU A 172 5.99 3.52 37.67
CA GLU A 172 5.44 3.25 39.01
C GLU A 172 4.46 4.33 39.39
N LEU A 173 3.28 3.92 39.87
CA LEU A 173 2.21 4.85 40.28
C LEU A 173 2.06 4.84 41.79
N MET A 174 2.03 6.02 42.41
CA MET A 174 1.71 6.16 43.82
C MET A 174 0.51 7.09 43.92
N VAL A 175 -0.42 6.78 44.81
CA VAL A 175 -1.60 7.63 44.96
C VAL A 175 -1.89 7.81 46.45
N THR A 176 -2.43 8.97 46.83
CA THR A 176 -2.98 9.17 48.17
C THR A 176 -4.51 9.21 48.01
N PRO A 177 -5.21 8.10 48.29
CA PRO A 177 -6.66 8.07 48.00
C PRO A 177 -7.41 9.03 48.91
N ALA A 178 -8.44 9.67 48.37
CA ALA A 178 -9.24 10.60 49.15
C ALA A 178 -10.26 9.85 50.00
N ARG A 179 -10.35 10.22 51.29
CA ARG A 179 -11.33 9.59 52.18
C ARG A 179 -12.74 9.78 51.64
N GLY A 180 -13.57 8.76 51.78
CA GLY A 180 -14.93 8.84 51.28
C GLY A 180 -15.06 8.69 49.78
N GLY A 181 -14.16 7.94 49.15
CA GLY A 181 -14.18 7.72 47.72
C GLY A 181 -14.65 6.32 47.37
N ASP A 182 -14.35 5.90 46.15
CA ASP A 182 -14.74 4.56 45.73
C ASP A 182 -13.91 3.55 46.52
N PRO A 183 -14.54 2.53 47.14
CA PRO A 183 -13.77 1.55 47.92
C PRO A 183 -13.10 0.47 47.08
N ARG A 184 -13.52 0.28 45.83
CA ARG A 184 -12.91 -0.68 44.93
C ARG A 184 -12.58 0.03 43.60
N PRO A 185 -11.66 0.99 43.63
CA PRO A 185 -11.28 1.71 42.39
C PRO A 185 -10.63 0.76 41.39
N THR A 186 -10.66 1.18 40.13
CA THR A 186 -10.07 0.44 39.03
C THR A 186 -8.95 1.26 38.41
N PHE A 187 -7.73 0.71 38.42
CA PHE A 187 -6.58 1.37 37.81
C PHE A 187 -6.15 0.60 36.57
N SER A 188 -5.68 1.33 35.55
CA SER A 188 -5.14 0.66 34.37
C SER A 188 -3.97 1.48 33.83
N CYS A 189 -3.15 0.81 33.02
CA CYS A 189 -1.95 1.43 32.43
C CYS A 189 -2.06 1.30 30.93
N SER A 190 -1.62 2.34 30.21
CA SER A 190 -1.65 2.25 28.76
C SER A 190 -0.37 2.87 28.20
N PHE A 191 -0.02 2.44 27.00
CA PHE A 191 1.09 3.02 26.24
C PHE A 191 0.57 4.21 25.45
N SER A 192 1.21 5.35 25.61
CA SER A 192 0.95 6.59 24.90
C SER A 192 2.07 6.85 23.94
N PRO A 193 1.69 7.13 22.67
CA PRO A 193 2.56 7.37 21.52
C PRO A 193 3.13 8.76 21.55
N LEU A 201 -1.19 -0.49 23.56
CA LEU A 201 -2.54 -0.81 24.05
C LEU A 201 -2.68 -0.52 25.60
N ARG A 202 -3.63 -1.18 26.27
CA ARG A 202 -3.91 -0.99 27.69
C ARG A 202 -3.83 -2.32 28.44
N THR A 203 -3.52 -2.25 29.73
CA THR A 203 -3.43 -3.46 30.54
C THR A 203 -4.79 -3.87 31.07
N ALA A 204 -4.82 -5.06 31.65
CA ALA A 204 -5.96 -5.47 32.44
C ALA A 204 -6.03 -4.58 33.68
N PRO A 205 -7.23 -4.21 34.09
CA PRO A 205 -7.36 -3.34 35.27
C PRO A 205 -7.06 -4.10 36.56
N ILE A 206 -6.39 -3.42 37.47
CA ILE A 206 -6.21 -3.92 38.82
C ILE A 206 -7.21 -3.22 39.72
N GLN A 207 -7.76 -3.96 40.69
CA GLN A 207 -8.88 -3.50 41.48
C GLN A 207 -8.56 -3.70 42.96
N PRO A 208 -7.80 -2.81 43.58
CA PRO A 208 -7.49 -2.98 44.99
C PRO A 208 -8.65 -2.52 45.87
N ARG A 209 -8.52 -2.81 47.16
CA ARG A 209 -9.45 -2.41 48.21
C ARG A 209 -8.88 -1.19 48.92
N VAL A 210 -9.72 -0.20 49.21
CA VAL A 210 -9.30 1.02 49.90
C VAL A 210 -9.92 1.09 51.29
N TRP A 211 -9.13 1.43 52.28
CA TRP A 211 -9.64 1.64 53.63
C TRP A 211 -9.74 3.05 54.06
N GLU A 212 -10.89 3.35 54.62
CA GLU A 212 -11.07 4.52 55.41
C GLU A 212 -10.41 4.40 56.77
N GLY B 1 -12.53 -22.63 -5.90
CA GLY B 1 -11.48 -22.89 -4.92
C GLY B 1 -11.92 -22.53 -3.53
N ALA B 2 -10.99 -21.98 -2.78
CA ALA B 2 -11.29 -21.65 -1.37
C ALA B 2 -11.61 -20.16 -1.23
N MET B 3 -12.00 -19.77 -0.01
CA MET B 3 -12.34 -18.37 0.27
C MET B 3 -11.05 -17.57 0.16
N ALA B 4 -11.06 -16.56 -0.70
CA ALA B 4 -9.83 -15.78 -0.94
C ALA B 4 -10.04 -14.27 -1.00
N GLN B 5 -8.97 -13.55 -0.68
CA GLN B 5 -9.03 -12.09 -0.90
C GLN B 5 -8.70 -11.84 -2.38
N ASN B 6 -9.60 -11.16 -3.08
CA ASN B 6 -9.31 -10.79 -4.47
C ASN B 6 -8.35 -9.60 -4.51
N ILE B 7 -7.26 -9.74 -5.25
CA ILE B 7 -6.22 -8.70 -5.37
C ILE B 7 -6.16 -8.30 -6.84
N THR B 8 -6.20 -7.00 -7.14
CA THR B 8 -5.98 -6.55 -8.52
C THR B 8 -4.59 -5.91 -8.57
N ALA B 9 -3.76 -6.38 -9.48
CA ALA B 9 -2.36 -5.97 -9.52
C ALA B 9 -2.05 -5.40 -10.88
N ARG B 10 -1.53 -4.16 -10.92
CA ARG B 10 -1.22 -3.51 -12.20
C ARG B 10 0.11 -4.03 -12.75
N ILE B 11 0.11 -4.36 -14.04
CA ILE B 11 1.33 -4.86 -14.67
C ILE B 11 2.46 -3.82 -14.56
N GLY B 12 3.65 -4.31 -14.25
CA GLY B 12 4.83 -3.45 -14.17
C GLY B 12 5.06 -2.86 -12.77
N GLU B 13 4.10 -2.97 -11.89
CA GLU B 13 4.13 -2.41 -10.53
C GLU B 13 4.49 -3.49 -9.53
N PRO B 14 5.11 -3.13 -8.41
CA PRO B 14 5.40 -4.15 -7.39
C PRO B 14 4.13 -4.65 -6.73
N LEU B 15 4.24 -5.85 -6.11
CA LEU B 15 3.12 -6.40 -5.33
C LEU B 15 3.72 -6.99 -4.07
N VAL B 16 3.10 -6.68 -2.92
CA VAL B 16 3.45 -7.28 -1.63
C VAL B 16 2.22 -7.96 -1.09
N LEU B 17 2.33 -9.26 -0.79
CA LEU B 17 1.24 -10.04 -0.22
C LEU B 17 1.59 -10.40 1.22
N LYS B 18 0.70 -10.08 2.16
CA LYS B 18 0.98 -10.36 3.59
C LYS B 18 0.80 -11.83 3.95
N CYS B 19 1.75 -12.37 4.77
CA CYS B 19 1.58 -13.72 5.31
C CYS B 19 1.04 -13.51 6.72
N LYS B 20 -0.28 -13.59 6.86
CA LYS B 20 -0.92 -13.32 8.15
C LYS B 20 -0.46 -14.32 9.21
N GLY B 21 -0.26 -13.81 10.44
CA GLY B 21 0.11 -14.69 11.52
C GLY B 21 1.55 -15.10 11.53
N ALA B 22 2.39 -14.55 10.65
CA ALA B 22 3.78 -14.94 10.74
C ALA B 22 4.50 -14.05 11.77
N PRO B 23 5.51 -14.58 12.46
CA PRO B 23 6.35 -13.73 13.32
C PRO B 23 6.94 -12.58 12.49
N LYS B 24 7.12 -11.42 13.15
CA LYS B 24 7.60 -10.18 12.50
C LYS B 24 8.95 -10.33 11.77
N LYS B 25 9.82 -11.20 12.23
CA LYS B 25 11.14 -11.33 11.63
C LYS B 25 11.60 -12.77 11.84
N PRO B 26 12.66 -13.19 11.14
CA PRO B 26 13.10 -14.58 11.27
C PRO B 26 13.57 -14.84 12.70
N PRO B 27 13.46 -16.11 13.18
CA PRO B 27 13.01 -17.31 12.43
C PRO B 27 11.50 -17.48 12.36
N GLN B 28 11.00 -17.96 11.22
CA GLN B 28 9.57 -18.12 11.04
C GLN B 28 9.28 -19.47 10.44
N ARG B 29 8.21 -20.09 10.90
CA ARG B 29 7.78 -21.36 10.32
C ARG B 29 6.72 -20.97 9.29
N LEU B 30 7.11 -20.76 8.04
CA LEU B 30 6.09 -20.38 7.07
C LEU B 30 6.46 -20.88 5.67
N GLU B 31 5.44 -20.96 4.82
CA GLU B 31 5.66 -21.45 3.46
C GLU B 31 4.65 -20.76 2.56
N TRP B 32 5.10 -20.35 1.37
CA TRP B 32 4.21 -19.79 0.34
C TRP B 32 4.04 -20.83 -0.74
N LYS B 33 2.86 -20.89 -1.35
CA LYS B 33 2.61 -21.77 -2.51
C LYS B 33 1.89 -20.91 -3.52
N LEU B 34 2.28 -20.99 -4.80
CA LEU B 34 1.56 -20.22 -5.79
C LEU B 34 1.26 -21.07 -7.02
N ASN B 35 0.16 -20.75 -7.71
CA ASN B 35 -0.21 -21.46 -8.95
C ASN B 35 -0.59 -20.35 -9.90
N THR B 36 0.32 -20.09 -10.84
CA THR B 36 0.13 -18.95 -11.75
C THR B 36 0.48 -19.36 -13.17
N GLY B 37 0.47 -18.38 -14.06
CA GLY B 37 0.90 -18.65 -15.41
C GLY B 37 2.37 -19.10 -15.50
N ARG B 38 3.19 -18.83 -14.47
CA ARG B 38 4.57 -19.26 -14.46
C ARG B 38 4.78 -20.68 -13.92
N THR B 39 3.77 -21.37 -13.42
CA THR B 39 4.00 -22.62 -12.70
C THR B 39 3.27 -23.76 -13.41
N GLU B 40 3.73 -24.97 -13.12
CA GLU B 40 3.01 -26.20 -13.39
C GLU B 40 2.35 -26.58 -12.06
N ALA B 41 1.07 -26.26 -11.93
CA ALA B 41 0.34 -26.50 -10.63
C ALA B 41 1.03 -25.71 -9.51
N TRP B 42 1.12 -26.23 -8.27
CA TRP B 42 1.65 -25.41 -7.19
CA TRP B 42 1.66 -25.47 -7.14
C TRP B 42 3.18 -25.44 -7.14
N LYS B 43 3.75 -24.26 -6.94
CA LYS B 43 5.16 -24.05 -6.69
C LYS B 43 5.31 -23.60 -5.25
N VAL B 44 6.22 -24.25 -4.50
CA VAL B 44 6.48 -23.83 -3.11
C VAL B 44 7.66 -22.87 -3.05
N LEU B 45 7.50 -21.76 -2.32
CA LEU B 45 8.56 -20.76 -2.08
C LEU B 45 8.80 -20.65 -0.56
N SER B 46 10.07 -20.67 -0.16
CA SER B 46 10.43 -20.61 1.24
C SER B 46 11.21 -19.33 1.56
N PRO B 47 11.31 -18.96 2.86
CA PRO B 47 12.09 -17.77 3.20
C PRO B 47 13.53 -17.83 2.70
N GLN B 48 14.15 -19.03 2.66
CA GLN B 48 15.52 -19.18 2.16
C GLN B 48 15.63 -18.76 0.69
N GLY B 49 14.66 -19.17 -0.12
CA GLY B 49 14.67 -18.78 -1.52
C GLY B 49 15.77 -19.47 -2.29
N GLY B 50 16.28 -18.81 -3.31
CA GLY B 50 17.27 -19.39 -4.19
C GLY B 50 16.69 -19.72 -5.56
N GLY B 51 17.60 -19.84 -6.53
CA GLY B 51 17.22 -20.29 -7.85
C GLY B 51 16.56 -19.23 -8.72
N PRO B 52 16.03 -19.68 -9.86
CA PRO B 52 15.45 -18.76 -10.84
C PRO B 52 14.32 -17.91 -10.27
N TRP B 53 13.60 -18.48 -9.29
CA TRP B 53 12.46 -17.75 -8.70
C TRP B 53 12.91 -16.51 -7.95
N ASP B 54 14.18 -16.44 -7.49
CA ASP B 54 14.63 -15.20 -6.85
C ASP B 54 14.54 -13.99 -7.77
N SER B 55 14.50 -14.17 -9.09
CA SER B 55 14.32 -13.01 -9.96
C SER B 55 12.86 -12.55 -10.09
N VAL B 56 11.92 -13.30 -9.55
CA VAL B 56 10.50 -13.07 -9.81
C VAL B 56 9.75 -12.73 -8.53
N ALA B 57 9.89 -13.58 -7.51
CA ALA B 57 9.19 -13.42 -6.24
C ALA B 57 10.08 -13.92 -5.09
N ARG B 58 10.19 -13.12 -4.01
CA ARG B 58 11.02 -13.52 -2.87
C ARG B 58 10.28 -13.23 -1.59
N VAL B 59 10.55 -14.04 -0.57
CA VAL B 59 9.93 -13.84 0.75
C VAL B 59 10.75 -12.79 1.52
N LEU B 60 10.06 -11.76 2.01
CA LEU B 60 10.74 -10.66 2.71
C LEU B 60 11.05 -11.07 4.16
N PRO B 61 11.85 -10.26 4.87
CA PRO B 61 12.09 -10.57 6.30
C PRO B 61 10.84 -10.69 7.14
N ASN B 62 9.81 -9.90 6.87
CA ASN B 62 8.60 -10.03 7.65
C ASN B 62 7.69 -11.19 7.16
N GLY B 63 8.15 -12.00 6.22
CA GLY B 63 7.36 -13.16 5.75
C GLY B 63 6.44 -12.84 4.57
N SER B 64 6.30 -11.58 4.21
CA SER B 64 5.46 -11.24 3.05
C SER B 64 6.11 -11.69 1.75
N LEU B 65 5.28 -11.94 0.70
CA LEU B 65 5.86 -12.26 -0.61
C LEU B 65 5.92 -10.99 -1.46
N PHE B 66 7.05 -10.80 -2.16
CA PHE B 66 7.27 -9.57 -2.90
C PHE B 66 7.59 -9.91 -4.34
N LEU B 67 6.86 -9.28 -5.26
CA LEU B 67 7.14 -9.35 -6.70
C LEU B 67 7.51 -7.93 -7.13
N PRO B 68 8.70 -7.73 -7.65
CA PRO B 68 9.14 -6.36 -7.99
C PRO B 68 8.37 -5.76 -9.14
N ALA B 69 7.93 -6.56 -10.11
CA ALA B 69 7.18 -5.98 -11.24
C ALA B 69 6.25 -7.07 -11.76
N VAL B 70 4.95 -6.91 -11.52
CA VAL B 70 3.97 -7.94 -11.88
C VAL B 70 3.89 -8.08 -13.39
N GLY B 71 3.78 -9.32 -13.91
CA GLY B 71 3.50 -9.50 -15.34
C GLY B 71 2.21 -10.29 -15.55
N ILE B 72 1.81 -10.38 -16.83
CA ILE B 72 0.60 -11.14 -17.18
C ILE B 72 0.66 -12.54 -16.60
N GLN B 73 1.83 -13.15 -16.60
CA GLN B 73 1.90 -14.55 -16.17
C GLN B 73 1.82 -14.72 -14.64
N ASP B 74 1.74 -13.62 -13.88
CA ASP B 74 1.60 -13.72 -12.42
C ASP B 74 0.15 -13.82 -11.97
N GLU B 75 -0.79 -13.77 -12.92
CA GLU B 75 -2.19 -14.07 -12.57
C GLU B 75 -2.35 -15.47 -11.96
N GLY B 76 -3.07 -15.57 -10.83
CA GLY B 76 -3.31 -16.90 -10.30
C GLY B 76 -3.63 -16.88 -8.82
N ILE B 77 -3.16 -17.87 -8.08
CA ILE B 77 -3.50 -18.00 -6.68
C ILE B 77 -2.22 -18.04 -5.89
N PHE B 78 -2.20 -17.35 -4.76
CA PHE B 78 -1.02 -17.25 -3.89
C PHE B 78 -1.48 -17.54 -2.46
N ARG B 79 -0.83 -18.46 -1.75
CA ARG B 79 -1.26 -18.85 -0.39
C ARG B 79 -0.07 -18.92 0.52
N CYS B 80 -0.27 -18.53 1.78
CA CYS B 80 0.75 -18.67 2.80
C CYS B 80 0.17 -19.48 3.95
N GLN B 81 1.00 -20.31 4.55
CA GLN B 81 0.68 -20.95 5.84
C GLN B 81 1.79 -20.65 6.82
N ALA B 82 1.46 -20.15 8.01
CA ALA B 82 2.48 -19.79 8.99
C ALA B 82 2.09 -20.34 10.35
N MET B 83 3.10 -20.48 11.20
CA MET B 83 2.94 -20.78 12.63
C MET B 83 3.44 -19.58 13.46
N ASN B 84 2.63 -19.14 14.43
CA ASN B 84 3.06 -18.07 15.35
C ASN B 84 3.89 -18.65 16.51
N ARG B 85 4.37 -17.75 17.39
CA ARG B 85 5.15 -18.17 18.56
C ARG B 85 4.40 -19.20 19.42
N ASN B 86 3.14 -18.91 19.79
CA ASN B 86 2.34 -19.86 20.54
C ASN B 86 2.30 -21.22 19.86
N GLY B 87 1.95 -21.23 18.57
CA GLY B 87 1.95 -22.46 17.79
C GLY B 87 0.70 -22.65 16.94
N LYS B 88 -0.13 -21.63 16.87
CA LYS B 88 -1.34 -21.69 16.04
C LYS B 88 -0.97 -21.45 14.57
N GLU B 89 -1.54 -22.27 13.67
CA GLU B 89 -1.37 -22.08 12.23
C GLU B 89 -2.38 -21.06 11.68
N THR B 90 -1.92 -20.21 10.73
CA THR B 90 -2.76 -19.21 10.12
C THR B 90 -2.54 -19.32 8.61
N LYS B 91 -3.61 -19.28 7.84
CA LYS B 91 -3.52 -19.36 6.37
C LYS B 91 -3.95 -18.05 5.72
N SER B 92 -3.32 -17.71 4.57
CA SER B 92 -3.66 -16.51 3.85
C SER B 92 -3.87 -16.94 2.41
N ASN B 93 -4.97 -16.50 1.78
CA ASN B 93 -5.31 -17.03 0.44
C ASN B 93 -5.65 -15.84 -0.44
N TYR B 94 -4.95 -15.69 -1.59
CA TYR B 94 -5.17 -14.51 -2.43
C TYR B 94 -5.43 -14.96 -3.85
N ARG B 95 -6.40 -14.32 -4.50
CA ARG B 95 -6.65 -14.58 -5.92
C ARG B 95 -6.18 -13.32 -6.61
N VAL B 96 -5.08 -13.41 -7.38
CA VAL B 96 -4.46 -12.25 -8.01
C VAL B 96 -4.87 -12.14 -9.47
N ARG B 97 -5.43 -10.99 -9.83
CA ARG B 97 -5.86 -10.67 -11.18
C ARG B 97 -5.06 -9.48 -11.66
N VAL B 98 -4.46 -9.57 -12.88
CA VAL B 98 -3.54 -8.53 -13.31
C VAL B 98 -4.22 -7.70 -14.38
N TYR B 99 -3.82 -6.44 -14.45
CA TYR B 99 -4.41 -5.56 -15.48
C TYR B 99 -3.43 -4.51 -15.91
N GLN B 100 -3.78 -3.81 -17.03
CA GLN B 100 -3.05 -2.62 -17.43
C GLN B 100 -4.05 -1.65 -18.04
N ILE B 101 -3.89 -0.38 -17.68
CA ILE B 101 -4.73 0.70 -18.20
C ILE B 101 -4.16 1.15 -19.54
N PRO B 102 -4.96 1.29 -20.60
CA PRO B 102 -4.43 1.79 -21.87
C PRO B 102 -4.15 3.28 -21.81
N GLY B 103 -3.49 3.80 -22.84
CA GLY B 103 -3.42 5.25 -23.01
C GLY B 103 -4.80 5.77 -23.31
N LYS B 104 -4.95 7.11 -23.22
CA LYS B 104 -6.19 7.78 -23.62
C LYS B 104 -6.59 7.33 -25.02
N PRO B 105 -7.84 6.94 -25.23
CA PRO B 105 -8.27 6.62 -26.59
C PRO B 105 -8.20 7.83 -27.51
N GLU B 106 -8.12 7.58 -28.82
CA GLU B 106 -8.07 8.65 -29.81
C GLU B 106 -9.00 8.37 -30.97
N ILE B 107 -9.58 9.44 -31.52
CA ILE B 107 -10.32 9.34 -32.78
C ILE B 107 -9.30 9.52 -33.89
N VAL B 108 -9.09 8.47 -34.67
CA VAL B 108 -8.09 8.52 -35.74
C VAL B 108 -8.68 8.91 -37.07
N ASP B 109 -10.01 8.92 -37.19
CA ASP B 109 -10.64 9.39 -38.42
C ASP B 109 -12.10 9.67 -38.08
N SER B 110 -12.68 10.68 -38.74
CA SER B 110 -14.05 11.06 -38.43
C SER B 110 -14.65 11.78 -39.62
N ALA B 111 -15.97 11.70 -39.73
CA ALA B 111 -16.69 12.39 -40.79
C ALA B 111 -16.91 13.82 -40.34
N SER B 112 -16.82 14.75 -41.28
CA SER B 112 -17.20 16.11 -40.88
C SER B 112 -18.65 16.41 -41.19
N GLU B 113 -19.27 15.65 -42.10
CA GLU B 113 -20.67 15.81 -42.48
C GLU B 113 -21.40 14.46 -42.48
N LEU B 114 -22.62 14.43 -41.90
CA LEU B 114 -23.49 13.26 -41.96
C LEU B 114 -24.79 13.61 -42.66
N THR B 115 -25.36 12.64 -43.37
CA THR B 115 -26.65 12.81 -44.04
C THR B 115 -27.74 12.04 -43.26
N ALA B 116 -28.77 12.77 -42.82
CA ALA B 116 -29.86 12.14 -42.08
C ALA B 116 -30.55 11.08 -42.94
N GLY B 117 -31.03 10.01 -42.29
CA GLY B 117 -31.85 9.03 -43.00
C GLY B 117 -31.09 7.99 -43.78
N VAL B 118 -29.76 8.03 -43.77
CA VAL B 118 -28.92 7.04 -44.45
C VAL B 118 -27.77 6.67 -43.52
N PRO B 119 -27.21 5.47 -43.66
CA PRO B 119 -26.09 5.12 -42.79
C PRO B 119 -24.85 5.93 -43.16
N ASN B 120 -24.12 6.39 -42.13
CA ASN B 120 -22.91 7.19 -42.26
C ASN B 120 -21.82 6.58 -41.38
N LYS B 121 -20.58 6.56 -41.90
CA LYS B 121 -19.43 6.24 -41.05
C LYS B 121 -19.09 7.46 -40.21
N VAL B 122 -19.31 7.40 -38.90
CA VAL B 122 -19.05 8.55 -38.05
C VAL B 122 -17.56 8.70 -37.73
N GLY B 123 -16.91 7.61 -37.32
CA GLY B 123 -15.50 7.72 -36.99
C GLY B 123 -14.93 6.41 -36.51
N THR B 124 -13.62 6.45 -36.29
CA THR B 124 -12.80 5.31 -35.84
C THR B 124 -12.05 5.73 -34.60
N CYS B 125 -12.13 4.90 -33.57
CA CYS B 125 -11.47 5.16 -32.30
C CYS B 125 -10.44 4.07 -32.03
N VAL B 126 -9.28 4.42 -31.49
CA VAL B 126 -8.21 3.46 -31.19
C VAL B 126 -7.76 3.62 -29.74
N SER B 127 -7.52 2.50 -29.08
CA SER B 127 -6.99 2.45 -27.73
CA SER B 127 -6.92 2.52 -27.76
C SER B 127 -5.81 1.48 -27.70
N GLU B 128 -4.68 1.87 -27.10
CA GLU B 128 -3.49 1.02 -27.07
C GLU B 128 -3.02 0.74 -25.65
N GLY B 129 -2.76 -0.53 -25.37
CA GLY B 129 -2.04 -0.97 -24.18
C GLY B 129 -2.89 -1.42 -23.03
N SER B 130 -4.05 -2.06 -23.30
CA SER B 130 -4.90 -2.57 -22.23
C SER B 130 -4.60 -4.03 -21.92
N TYR B 131 -4.86 -4.42 -20.67
CA TYR B 131 -4.92 -5.85 -20.33
C TYR B 131 -5.90 -6.05 -19.17
N PRO B 132 -6.92 -6.95 -19.28
CA PRO B 132 -7.38 -7.69 -20.45
C PRO B 132 -7.86 -6.72 -21.51
N ALA B 133 -8.39 -7.23 -22.63
CA ALA B 133 -8.60 -6.35 -23.80
C ALA B 133 -9.54 -5.18 -23.50
N GLY B 134 -10.69 -5.48 -22.93
CA GLY B 134 -11.70 -4.43 -22.76
C GLY B 134 -12.44 -4.18 -24.07
N THR B 135 -13.15 -3.04 -24.13
CA THR B 135 -13.87 -2.74 -25.35
C THR B 135 -14.05 -1.22 -25.43
N LEU B 136 -14.34 -0.73 -26.64
CA LEU B 136 -14.56 0.70 -26.83
C LEU B 136 -16.07 0.96 -26.94
N SER B 137 -16.53 2.03 -26.26
CA SER B 137 -17.92 2.44 -26.22
C SER B 137 -18.09 3.78 -26.92
N TRP B 138 -19.20 3.99 -27.59
CA TRP B 138 -19.49 5.27 -28.23
C TRP B 138 -20.62 5.95 -27.47
N HIS B 139 -20.62 7.29 -27.54
CA HIS B 139 -21.54 8.16 -26.80
C HIS B 139 -22.03 9.24 -27.75
N LEU B 140 -23.29 9.62 -27.60
CA LEU B 140 -23.91 10.70 -28.38
C LEU B 140 -24.48 11.70 -27.38
N ASP B 141 -23.93 12.93 -27.36
CA ASP B 141 -24.37 13.98 -26.45
C ASP B 141 -24.31 13.50 -24.99
N GLY B 142 -23.29 12.70 -24.69
CA GLY B 142 -23.10 12.17 -23.35
C GLY B 142 -23.94 10.98 -22.97
N LYS B 143 -24.71 10.42 -23.90
CA LYS B 143 -25.51 9.23 -23.61
C LYS B 143 -24.91 8.02 -24.33
N PRO B 144 -24.98 6.83 -23.73
CA PRO B 144 -24.40 5.65 -24.37
C PRO B 144 -25.12 5.32 -25.66
N LEU B 145 -24.36 4.88 -26.66
CA LEU B 145 -24.94 4.47 -27.93
C LEU B 145 -24.89 2.94 -27.99
N VAL B 146 -26.07 2.30 -28.02
CA VAL B 146 -26.11 0.85 -27.98
C VAL B 146 -25.92 0.26 -29.38
N PRO B 147 -24.92 -0.61 -29.57
CA PRO B 147 -24.67 -1.19 -30.90
C PRO B 147 -25.82 -2.06 -31.37
N ASN B 148 -25.99 -2.10 -32.69
CA ASN B 148 -27.06 -2.85 -33.37
C ASN B 148 -28.41 -2.50 -32.75
N GLU B 149 -28.77 -1.23 -32.88
CA GLU B 149 -30.02 -0.69 -32.37
C GLU B 149 -30.87 -0.12 -33.50
N LYS B 150 -30.94 -0.86 -34.62
CA LYS B 150 -31.64 -0.45 -35.84
C LYS B 150 -31.30 1.00 -36.19
N GLY B 151 -30.06 1.19 -36.64
CA GLY B 151 -29.57 2.52 -36.94
C GLY B 151 -28.17 2.82 -36.42
N VAL B 152 -27.74 2.13 -35.37
CA VAL B 152 -26.40 2.25 -34.81
C VAL B 152 -25.69 0.93 -35.04
N SER B 153 -24.53 0.97 -35.71
CA SER B 153 -23.75 -0.24 -35.93
C SER B 153 -22.33 0.02 -35.47
N VAL B 154 -21.71 -0.96 -34.78
CA VAL B 154 -20.34 -0.81 -34.28
C VAL B 154 -19.57 -2.08 -34.65
N LYS B 155 -18.37 -1.91 -35.22
CA LYS B 155 -17.50 -3.07 -35.44
C LYS B 155 -16.19 -2.84 -34.70
N GLU B 156 -15.56 -3.92 -34.23
CA GLU B 156 -14.34 -3.70 -33.45
C GLU B 156 -13.33 -4.78 -33.78
N GLN B 157 -12.07 -4.40 -33.69
CA GLN B 157 -10.93 -5.27 -33.96
C GLN B 157 -10.05 -5.25 -32.74
N THR B 158 -9.55 -6.42 -32.34
CA THR B 158 -8.63 -6.52 -31.21
C THR B 158 -7.32 -7.10 -31.72
N ARG B 159 -6.19 -6.44 -31.44
CA ARG B 159 -4.87 -6.95 -31.82
C ARG B 159 -3.99 -7.05 -30.58
N ARG B 160 -3.06 -8.02 -30.55
CA ARG B 160 -2.22 -8.19 -29.39
C ARG B 160 -0.78 -7.81 -29.74
N HIS B 161 -0.12 -7.01 -28.88
CA HIS B 161 1.29 -6.70 -29.11
C HIS B 161 2.09 -8.02 -29.06
N PRO B 162 2.93 -8.30 -30.06
CA PRO B 162 3.52 -9.66 -30.14
C PRO B 162 4.51 -9.96 -29.08
N GLU B 163 5.03 -8.94 -28.38
CA GLU B 163 5.96 -9.19 -27.28
C GLU B 163 5.41 -8.85 -25.91
N THR B 164 4.64 -7.76 -25.74
CA THR B 164 4.14 -7.45 -24.39
C THR B 164 2.81 -8.14 -24.08
N GLY B 165 2.04 -8.54 -25.11
CA GLY B 165 0.74 -9.14 -24.86
C GLY B 165 -0.35 -8.15 -24.56
N LEU B 166 -0.05 -6.84 -24.56
CA LEU B 166 -1.08 -5.83 -24.29
C LEU B 166 -1.94 -5.64 -25.54
N PHE B 167 -3.21 -5.26 -25.34
CA PHE B 167 -4.15 -5.19 -26.47
C PHE B 167 -4.30 -3.79 -27.05
N THR B 168 -4.46 -3.74 -28.38
CA THR B 168 -4.87 -2.53 -29.09
C THR B 168 -6.28 -2.76 -29.68
N LEU B 169 -7.19 -1.82 -29.43
CA LEU B 169 -8.57 -1.91 -29.93
C LEU B 169 -8.82 -0.87 -30.97
N GLN B 170 -9.58 -1.23 -32.00
CA GLN B 170 -9.97 -0.26 -33.02
C GLN B 170 -11.45 -0.45 -33.25
N SER B 171 -12.25 0.64 -33.08
CA SER B 171 -13.70 0.51 -33.16
C SER B 171 -14.21 1.50 -34.20
N GLU B 172 -15.14 1.06 -35.04
CA GLU B 172 -15.77 1.91 -36.06
C GLU B 172 -17.25 2.07 -35.76
N LEU B 173 -17.73 3.32 -35.77
CA LEU B 173 -19.15 3.63 -35.53
C LEU B 173 -19.82 4.08 -36.81
N MET B 174 -20.98 3.50 -37.10
CA MET B 174 -21.85 3.98 -38.18
C MET B 174 -23.21 4.29 -37.57
N VAL B 175 -23.82 5.40 -38.01
CA VAL B 175 -25.17 5.72 -37.52
C VAL B 175 -26.05 6.18 -38.68
N THR B 176 -27.35 5.96 -38.55
CA THR B 176 -28.34 6.53 -39.46
C THR B 176 -29.06 7.65 -38.72
N PRO B 177 -28.68 8.93 -38.93
CA PRO B 177 -29.27 10.00 -38.12
C PRO B 177 -30.75 10.13 -38.46
N ALA B 178 -31.55 10.38 -37.43
CA ALA B 178 -33.00 10.56 -37.63
C ALA B 178 -33.31 11.97 -38.10
N ARG B 179 -34.18 12.07 -39.13
CA ARG B 179 -34.59 13.38 -39.64
C ARG B 179 -35.19 14.22 -38.51
N GLY B 180 -34.89 15.50 -38.51
CA GLY B 180 -35.43 16.36 -37.47
C GLY B 180 -34.75 16.25 -36.14
N GLY B 181 -33.45 15.93 -36.10
CA GLY B 181 -32.71 15.82 -34.87
C GLY B 181 -31.74 16.97 -34.66
N ASP B 182 -30.78 16.75 -33.77
CA ASP B 182 -29.79 17.79 -33.51
C ASP B 182 -28.92 17.94 -34.75
N PRO B 183 -28.71 19.17 -35.27
CA PRO B 183 -27.89 19.35 -36.48
C PRO B 183 -26.39 19.34 -36.20
N ARG B 184 -25.98 19.53 -34.95
CA ARG B 184 -24.56 19.47 -34.56
C ARG B 184 -24.37 18.51 -33.38
N PRO B 185 -24.64 17.21 -33.57
CA PRO B 185 -24.46 16.23 -32.48
C PRO B 185 -23.00 16.11 -32.10
N THR B 186 -22.78 15.62 -30.87
CA THR B 186 -21.44 15.42 -30.37
C THR B 186 -21.26 13.93 -30.07
N PHE B 187 -20.26 13.32 -30.69
CA PHE B 187 -19.93 11.91 -30.45
C PHE B 187 -18.62 11.82 -29.69
N SER B 188 -18.51 10.81 -28.81
CA SER B 188 -17.24 10.57 -28.14
C SER B 188 -17.05 9.06 -27.97
N CYS B 189 -15.81 8.69 -27.73
CA CYS B 189 -15.43 7.28 -27.57
C CYS B 189 -14.78 7.11 -26.22
N SER B 190 -15.04 5.97 -25.59
CA SER B 190 -14.47 5.72 -24.24
C SER B 190 -13.99 4.26 -24.09
N PHE B 191 -12.99 4.08 -23.24
CA PHE B 191 -12.54 2.71 -22.94
C PHE B 191 -13.41 2.16 -21.82
N SER B 192 -13.94 0.98 -22.05
CA SER B 192 -14.77 0.30 -21.03
C SER B 192 -14.05 -0.98 -20.65
N PRO B 193 -13.88 -1.24 -19.35
CA PRO B 193 -13.29 -2.49 -18.92
C PRO B 193 -14.32 -3.58 -19.23
N ALA B 200 -9.67 11.63 -18.71
CA ALA B 200 -9.73 10.24 -18.28
C ALA B 200 -9.45 9.28 -19.45
N LEU B 201 -10.34 8.31 -19.64
CA LEU B 201 -10.25 7.37 -20.76
C LEU B 201 -11.38 7.59 -21.77
N ARG B 202 -11.67 8.86 -22.06
CA ARG B 202 -12.64 9.27 -23.07
C ARG B 202 -11.92 10.19 -24.04
N THR B 203 -12.36 10.19 -25.30
CA THR B 203 -11.71 11.03 -26.30
C THR B 203 -12.29 12.43 -26.26
N ALA B 204 -11.64 13.31 -27.00
CA ALA B 204 -12.25 14.58 -27.32
C ALA B 204 -13.46 14.32 -28.21
N PRO B 205 -14.55 15.04 -28.02
CA PRO B 205 -15.74 14.82 -28.85
C PRO B 205 -15.58 15.37 -30.25
N ILE B 206 -16.15 14.65 -31.22
CA ILE B 206 -16.26 15.16 -32.57
C ILE B 206 -17.67 15.67 -32.81
N GLN B 207 -17.78 16.76 -33.57
CA GLN B 207 -19.05 17.44 -33.74
C GLN B 207 -19.29 17.65 -35.22
N PRO B 208 -19.80 16.65 -35.94
CA PRO B 208 -20.08 16.83 -37.35
C PRO B 208 -21.37 17.59 -37.57
N ARG B 209 -21.61 17.93 -38.84
CA ARG B 209 -22.82 18.60 -39.30
C ARG B 209 -23.73 17.55 -39.90
N VAL B 210 -25.04 17.65 -39.62
CA VAL B 210 -26.03 16.72 -40.16
C VAL B 210 -26.95 17.43 -41.15
N TRP B 211 -27.20 16.84 -42.30
CA TRP B 211 -28.20 17.40 -43.21
C TRP B 211 -29.49 16.68 -43.16
N GLU B 212 -30.51 17.48 -43.09
CA GLU B 212 -31.83 17.07 -43.37
C GLU B 212 -32.04 16.89 -44.87
C ACT C . 12.86 18.11 3.14
O ACT C . 13.72 18.35 3.95
OXT ACT C . 12.72 18.61 1.99
CH3 ACT C . 11.79 17.08 3.66
C ACT D . 16.05 21.75 -1.06
O ACT D . 15.48 21.33 -0.01
OXT ACT D . 16.88 21.13 -1.78
CH3 ACT D . 15.68 23.21 -1.59
C ACT E . 5.85 14.45 -3.35
O ACT E . 5.78 13.38 -2.57
OXT ACT E . 6.70 15.36 -3.34
CH3 ACT E . 4.78 14.61 -4.50
C ACT F . 12.20 11.97 42.72
O ACT F . 11.62 11.74 43.86
OXT ACT F . 12.01 12.94 41.87
CH3 ACT F . 13.25 11.01 42.39
C01 V6M G . 16.56 18.50 -5.40
C03 V6M G . 15.92 17.29 -5.70
C04 V6M G . 14.68 17.36 -5.18
C05 V6M G . 14.53 18.60 -4.57
C06 V6M G . 17.96 18.94 -5.74
C07 V6M G . 16.55 16.12 -6.45
C08 V6M G . 13.22 19.02 -3.85
C11 V6M G . 13.46 16.37 -5.17
C12 V6M G . 12.18 16.76 -4.48
C13 V6M G . 12.05 18.11 -3.85
C14 V6M G . 13.13 20.41 -3.21
C15 V6M G . 17.42 16.47 -7.65
C16 V6M G . 16.31 14.66 -5.99
C17 V6M G . 16.98 13.52 -6.76
C18 V6M G . 18.07 15.36 -8.44
C19 V6M G . 17.83 13.93 -7.99
N02 V6M G . 15.69 19.27 -4.72
O09 V6M G . 18.11 20.01 -6.39
O10 V6M G . 18.92 18.23 -5.34
C01 V6P H . 20.26 9.77 -13.44
C02 V6P H . 19.74 10.02 -14.70
C04 V6P H . 20.49 8.46 -13.01
C05 V6P H . 18.95 12.19 -14.13
C07 V6P H . 19.70 7.64 -15.12
C08 V6P H . 19.48 8.94 -15.54
C09 V6P H . 20.22 7.39 -13.86
C10 V6P H . 19.76 12.89 -13.25
C11 V6P H . 17.57 12.33 -14.06
C12 V6P H . 17.00 13.16 -13.11
C13 V6P H . 19.20 13.72 -12.28
C14 V6P H . 17.83 13.86 -12.23
O03 V6P H . 19.51 11.35 -15.14
O06 V6P H . 21.00 8.25 -11.71
C01 V6P I . 16.13 -6.39 -3.59
C02 V6P I . 16.51 -7.72 -3.75
C04 V6P I . 16.46 -5.71 -2.42
C05 V6P I . 14.85 -8.87 -5.01
C07 V6P I . 17.59 -7.64 -1.57
C08 V6P I . 17.26 -8.33 -2.74
C09 V6P I . 17.19 -6.33 -1.41
C10 V6P I . 14.00 -8.78 -3.92
C11 V6P I . 14.40 -9.41 -6.22
C12 V6P I . 13.10 -9.85 -6.31
C13 V6P I . 12.70 -9.22 -4.02
C14 V6P I . 12.25 -9.75 -5.21
O03 V6P I . 16.19 -8.44 -4.93
O06 V6P I . 16.06 -4.39 -2.26
C ACT J . -8.43 -20.34 -4.24
O ACT J . -8.40 -20.77 -3.06
OXT ACT J . -8.52 -20.99 -5.26
CH3 ACT J . -8.45 -18.78 -4.50
C ACT K . -7.83 -25.90 -1.02
O ACT K . -6.66 -26.31 -0.84
OXT ACT K . -8.22 -24.97 -1.80
CH3 ACT K . -8.97 -26.61 -0.15
CL CL L . -3.25 -9.97 -33.08
CL CL M . 6.37 -25.13 -11.27
C01 V6M N . -3.31 -25.20 1.92
C03 V6M N . -2.61 -24.03 2.22
C04 V6M N . -3.52 -23.02 2.30
C05 V6M N . -4.77 -23.57 2.06
C06 V6M N . -2.82 -26.61 1.71
C07 V6M N . -1.11 -23.91 2.38
C08 V6M N . -6.06 -22.72 2.05
C11 V6M N . -3.39 -21.49 2.60
C12 V6M N . -4.63 -20.65 2.60
C13 V6M N . -5.96 -21.28 2.37
C14 V6M N . -7.41 -23.41 1.80
C15 V6M N . -0.45 -25.03 3.15
C16 V6M N . -0.33 -22.72 1.78
C17 V6M N . 1.18 -22.65 1.94
C18 V6M N . 1.05 -24.96 3.35
C19 V6M N . 1.82 -23.79 2.76
N02 V6M N . -4.62 -24.89 1.84
O09 V6M N . -1.93 -26.84 0.85
O10 V6M N . -3.33 -27.54 2.40
C01 V6P O . 5.70 -24.21 7.81
C02 V6P O . 6.49 -25.03 7.03
C04 V6P O . 4.35 -24.15 7.56
C05 V6P O . 8.67 -24.31 6.43
C07 V6P O . 4.55 -25.76 5.79
C08 V6P O . 5.91 -25.82 6.04
C09 V6P O . 3.77 -24.92 6.57
C10 V6P O . 9.60 -23.44 6.97
C11 V6P O . 8.55 -24.41 5.05
C12 V6P O . 9.33 -23.63 4.20
C13 V6P O . 10.39 -22.67 6.14
C14 V6P O . 10.26 -22.76 4.76
O03 V6P O . 7.87 -25.10 7.29
O06 V6P O . 3.54 -23.31 8.35
#